data_5CTV
#
_entry.id   5CTV
#
_cell.length_a   44.566
_cell.length_b   54.623
_cell.length_c   78.877
_cell.angle_alpha   90.00
_cell.angle_beta   90.00
_cell.angle_gamma   90.00
#
_symmetry.space_group_name_H-M   'P 21 21 21'
#
loop_
_entity.id
_entity.type
_entity.pdbx_description
1 polymer Autolysin
2 polymer 'fragment of peptidoglycan'
3 branched '2-acetamido-2-deoxy-beta-D-glucopyranose-(1-4)-methyl 2-acetamido-3-O-[(1R)-1-carboxyethyl]-2-deoxy-beta-D-glucopyranoside-(1-4)-2-acetamido-2-deoxy-beta-D-glucopyranose-(1-4)-methyl 2-acetamido-3-O-[(1R)-1-carboxyethyl]-2-deoxy-beta-D-glucopyranoside'
4 water water
#
loop_
_entity_poly.entity_id
_entity_poly.type
_entity_poly.pdbx_seq_one_letter_code
_entity_poly.pdbx_strand_id
1 'polypeptide(L)'
;ASMEINVSKLRTDLPQVGVQPYRQVHAHSTGNPHSTVQNEADYHWRKDPELGFFSHIVGNGAIMQVGPVDNGAWDVGGGW
NAETYAAVELIESHSTKEEFMTDYRLYIELLRNLADEAGLPKTLDTGSLAGIKTAEYATNNQPNNHSDHVDPYPYLAKWG
ISREQFKHDIENGLTIETGWQKHHHHHH
;
A
2 'polypeptide(L)' A(DGL)K(DAL)(DAL) C,E
#
loop_
_chem_comp.id
_chem_comp.type
_chem_comp.name
_chem_comp.formula
AMV D-saccharide 'methyl 2-acetamido-3-O-[(1R)-1-carboxyethyl]-2-deoxy-beta-D-glucopyranoside' 'C12 H21 N O8'
NAG D-saccharide, beta linking 2-acetamido-2-deoxy-beta-D-glucopyranose 'C8 H15 N O6'
#
# COMPACT_ATOMS: atom_id res chain seq x y z
N ALA A 1 10.61 14.14 -12.27
CA ALA A 1 10.06 15.19 -11.38
C ALA A 1 10.36 14.83 -9.94
N SER A 2 10.44 15.83 -9.08
CA SER A 2 10.56 15.55 -7.65
C SER A 2 9.29 14.89 -7.12
N MET A 3 9.46 13.92 -6.23
CA MET A 3 8.32 13.31 -5.57
C MET A 3 7.80 14.27 -4.51
N GLU A 4 6.49 14.46 -4.51
CA GLU A 4 5.81 15.34 -3.55
C GLU A 4 4.91 14.49 -2.68
N ILE A 5 5.00 14.66 -1.36
CA ILE A 5 4.14 13.91 -0.45
C ILE A 5 3.43 14.89 0.47
N ASN A 6 2.11 14.81 0.48
CA ASN A 6 1.25 15.62 1.31
C ASN A 6 1.14 14.93 2.68
N VAL A 7 1.60 15.59 3.74
CA VAL A 7 1.62 15.04 5.09
C VAL A 7 0.54 15.66 5.99
N SER A 8 -0.42 16.37 5.40
CA SER A 8 -1.46 17.10 6.14
C SER A 8 -2.35 16.22 7.00
N LYS A 9 -2.54 14.97 6.59
CA LYS A 9 -3.40 14.05 7.33
C LYS A 9 -2.61 12.90 7.96
N LEU A 10 -1.34 13.15 8.30
CA LEU A 10 -0.51 12.15 8.96
CA LEU A 10 -0.52 12.11 8.97
C LEU A 10 -1.02 11.92 10.39
N ARG A 11 -1.62 10.77 10.64
CA ARG A 11 -2.19 10.44 11.96
C ARG A 11 -1.14 9.88 12.91
N THR A 12 -0.61 10.76 13.74
CA THR A 12 0.48 10.43 14.65
CA THR A 12 0.47 10.47 14.66
C THR A 12 0.05 9.52 15.79
N ASP A 13 -1.24 9.53 16.15
CA ASP A 13 -1.68 8.78 17.33
C ASP A 13 -1.89 7.27 17.13
N LEU A 14 -1.58 6.77 15.95
CA LEU A 14 -1.72 5.35 15.67
C LEU A 14 -0.78 4.54 16.57
N PRO A 15 -1.14 3.28 16.85
CA PRO A 15 -0.33 2.51 17.80
C PRO A 15 0.97 1.99 17.21
N GLN A 16 1.97 1.87 18.07
CA GLN A 16 3.19 1.13 17.81
C GLN A 16 2.84 -0.35 17.58
N VAL A 17 3.37 -0.95 16.53
CA VAL A 17 3.12 -2.36 16.22
C VAL A 17 4.44 -3.07 15.99
N GLY A 18 4.77 -4.01 16.86
CA GLY A 18 6.06 -4.69 16.77
C GLY A 18 7.23 -3.76 17.02
N VAL A 19 8.39 -4.18 16.52
CA VAL A 19 9.64 -3.47 16.72
C VAL A 19 10.51 -3.57 15.47
N GLN A 20 11.45 -2.65 15.29
CA GLN A 20 12.43 -2.80 14.22
C GLN A 20 13.20 -4.10 14.44
N PRO A 21 13.67 -4.77 13.39
CA PRO A 21 13.58 -4.34 12.00
C PRO A 21 12.26 -4.73 11.35
N TYR A 22 11.74 -3.83 10.50
CA TYR A 22 10.54 -4.11 9.71
C TYR A 22 10.99 -4.54 8.32
N ARG A 23 10.64 -5.76 7.94
CA ARG A 23 11.20 -6.35 6.74
C ARG A 23 10.34 -6.15 5.49
N GLN A 24 9.15 -5.56 5.60
CA GLN A 24 8.24 -5.51 4.48
C GLN A 24 7.65 -4.14 4.21
N VAL A 25 7.36 -3.89 2.93
CA VAL A 25 6.50 -2.82 2.50
C VAL A 25 5.28 -3.50 1.90
N HIS A 26 4.08 -3.06 2.26
CA HIS A 26 2.87 -3.74 1.82
C HIS A 26 2.13 -2.93 0.77
N ALA A 27 1.78 -3.61 -0.31
CA ALA A 27 1.04 -3.05 -1.44
C ALA A 27 -0.43 -3.44 -1.32
N HIS A 28 -1.27 -2.42 -1.17
CA HIS A 28 -2.71 -2.56 -1.02
C HIS A 28 -3.46 -1.77 -2.09
N SER A 29 -4.76 -2.01 -2.21
CA SER A 29 -5.63 -1.09 -2.93
C SER A 29 -6.93 -1.00 -2.11
N THR A 30 -7.66 0.10 -2.27
CA THR A 30 -8.64 0.45 -1.26
C THR A 30 -9.89 -0.41 -1.24
N GLY A 31 -10.17 -1.14 -2.32
CA GLY A 31 -11.42 -1.88 -2.40
C GLY A 31 -12.64 -0.99 -2.31
N ASN A 32 -12.50 0.29 -2.72
CA ASN A 32 -13.57 1.26 -2.63
C ASN A 32 -13.72 1.94 -3.98
N PRO A 33 -14.78 1.58 -4.72
CA PRO A 33 -14.87 2.10 -6.10
C PRO A 33 -15.17 3.59 -6.23
N HIS A 34 -15.50 4.27 -5.13
CA HIS A 34 -16.00 5.65 -5.23
C HIS A 34 -15.20 6.70 -4.49
N SER A 35 -14.32 6.31 -3.59
CA SER A 35 -13.64 7.29 -2.74
C SER A 35 -12.44 7.92 -3.44
N THR A 36 -12.23 9.21 -3.18
CA THR A 36 -11.04 9.91 -3.62
C THR A 36 -9.91 9.74 -2.62
N VAL A 37 -8.72 10.19 -2.98
CA VAL A 37 -7.60 10.13 -2.06
C VAL A 37 -7.89 10.93 -0.79
N GLN A 38 -8.52 12.09 -0.90
CA GLN A 38 -8.86 12.87 0.29
C GLN A 38 -9.92 12.18 1.14
N ASN A 39 -10.93 11.56 0.49
CA ASN A 39 -11.92 10.81 1.26
C ASN A 39 -11.24 9.74 2.09
N GLU A 40 -10.33 8.99 1.47
CA GLU A 40 -9.60 7.93 2.16
C GLU A 40 -8.75 8.47 3.32
N ALA A 41 -8.08 9.59 3.09
CA ALA A 41 -7.25 10.20 4.13
C ALA A 41 -8.08 10.67 5.31
N ASP A 42 -9.24 11.27 5.03
CA ASP A 42 -10.10 11.80 6.08
C ASP A 42 -10.72 10.68 6.91
N TYR A 43 -11.14 9.59 6.25
CA TYR A 43 -11.68 8.45 6.97
C TYR A 43 -10.58 7.79 7.80
N HIS A 44 -9.41 7.60 7.21
CA HIS A 44 -8.27 7.04 7.94
C HIS A 44 -7.92 7.87 9.17
N TRP A 45 -8.07 9.19 9.07
CA TRP A 45 -7.76 10.09 10.17
C TRP A 45 -8.61 9.81 11.41
N ARG A 46 -9.89 9.51 11.20
CA ARG A 46 -10.84 9.41 12.31
C ARG A 46 -11.25 8.00 12.70
N LYS A 47 -10.95 7.01 11.86
CA LYS A 47 -11.51 5.68 12.05
C LYS A 47 -10.92 4.96 13.26
N ASP A 48 -11.63 3.94 13.72
CA ASP A 48 -11.10 2.97 14.69
C ASP A 48 -9.91 2.25 14.04
N PRO A 49 -8.68 2.43 14.58
CA PRO A 49 -7.53 1.79 13.94
C PRO A 49 -7.60 0.27 13.88
N GLU A 50 -8.39 -0.36 14.76
CA GLU A 50 -8.52 -1.82 14.72
C GLU A 50 -9.10 -2.33 13.39
N LEU A 51 -9.86 -1.48 12.70
CA LEU A 51 -10.43 -1.84 11.40
C LEU A 51 -9.37 -1.90 10.30
N GLY A 52 -8.21 -1.29 10.57
CA GLY A 52 -7.11 -1.33 9.63
C GLY A 52 -6.54 0.06 9.42
N PHE A 53 -5.22 0.14 9.41
CA PHE A 53 -4.57 1.41 9.11
C PHE A 53 -3.30 1.18 8.31
N PHE A 54 -2.76 2.26 7.79
CA PHE A 54 -1.68 2.19 6.84
C PHE A 54 -0.88 3.49 6.86
N SER A 55 0.07 3.64 5.95
CA SER A 55 0.95 4.81 5.98
C SER A 55 0.78 5.78 4.81
N HIS A 56 0.39 5.30 3.62
CA HIS A 56 0.32 6.16 2.44
C HIS A 56 -0.88 5.81 1.60
N ILE A 57 -1.36 6.82 0.88
CA ILE A 57 -2.41 6.64 -0.11
C ILE A 57 -1.95 7.32 -1.40
N VAL A 58 -2.17 6.65 -2.52
CA VAL A 58 -1.85 7.19 -3.83
C VAL A 58 -3.16 7.32 -4.61
N GLY A 59 -3.45 8.53 -5.08
CA GLY A 59 -4.66 8.75 -5.86
C GLY A 59 -4.80 10.17 -6.31
N ASN A 60 -5.50 10.34 -7.42
CA ASN A 60 -5.80 11.66 -7.96
C ASN A 60 -4.52 12.45 -8.21
N GLY A 61 -3.49 11.74 -8.67
CA GLY A 61 -2.21 12.36 -8.98
C GLY A 61 -1.36 12.76 -7.79
N ALA A 62 -1.77 12.35 -6.59
CA ALA A 62 -1.12 12.76 -5.36
C ALA A 62 -0.71 11.57 -4.52
N ILE A 63 0.25 11.82 -3.63
CA ILE A 63 0.66 10.89 -2.60
C ILE A 63 0.41 11.57 -1.27
N MET A 64 -0.34 10.90 -0.39
CA MET A 64 -0.58 11.40 0.96
C MET A 64 0.02 10.43 1.97
N GLN A 65 0.85 10.94 2.88
CA GLN A 65 1.28 10.15 4.02
C GLN A 65 0.27 10.34 5.14
N VAL A 66 -0.40 9.25 5.48
CA VAL A 66 -1.48 9.26 6.46
C VAL A 66 -1.17 8.53 7.77
N GLY A 67 -0.05 7.85 7.84
CA GLY A 67 0.38 7.19 9.06
C GLY A 67 1.88 7.09 9.12
N PRO A 68 2.43 6.72 10.27
CA PRO A 68 3.86 6.64 10.45
C PRO A 68 4.47 5.50 9.67
N VAL A 69 5.74 5.65 9.32
CA VAL A 69 6.54 4.54 8.81
C VAL A 69 7.48 4.03 9.87
N ASP A 70 8.05 2.86 9.61
CA ASP A 70 9.01 2.25 10.53
C ASP A 70 8.40 1.99 11.91
N ASN A 71 7.10 1.66 11.91
CA ASN A 71 6.26 1.59 13.09
C ASN A 71 5.44 0.33 13.22
N GLY A 72 5.46 -0.52 12.20
CA GLY A 72 4.45 -1.56 12.06
C GLY A 72 3.11 -0.96 11.69
N ALA A 73 2.13 -1.80 11.44
CA ALA A 73 0.77 -1.33 11.17
C ALA A 73 -0.20 -2.46 11.35
N TRP A 74 -1.46 -2.12 11.61
CA TRP A 74 -2.54 -3.09 11.54
C TRP A 74 -3.13 -3.05 10.14
N ASP A 75 -2.34 -3.51 9.16
CA ASP A 75 -2.75 -3.41 7.76
C ASP A 75 -3.09 -4.73 7.10
N VAL A 76 -2.47 -5.83 7.54
CA VAL A 76 -2.65 -7.11 6.86
C VAL A 76 -3.34 -8.19 7.68
N GLY A 77 -3.73 -7.92 8.93
CA GLY A 77 -4.60 -8.84 9.64
C GLY A 77 -3.96 -10.14 10.06
N GLY A 78 -2.67 -10.09 10.39
CA GLY A 78 -1.96 -11.25 10.85
C GLY A 78 -0.55 -10.88 11.27
N GLY A 79 0.29 -11.90 11.40
CA GLY A 79 1.62 -11.73 11.97
C GLY A 79 2.51 -10.74 11.24
N TRP A 80 2.29 -10.55 9.94
CA TRP A 80 3.12 -9.60 9.20
C TRP A 80 2.73 -8.15 9.40
N ASN A 81 1.71 -7.87 10.20
CA ASN A 81 1.50 -6.53 10.74
C ASN A 81 2.78 -6.02 11.38
N ALA A 82 3.47 -6.92 12.09
CA ALA A 82 4.70 -6.56 12.79
C ALA A 82 5.90 -6.45 11.87
N GLU A 83 5.72 -6.65 10.56
CA GLU A 83 6.78 -6.41 9.58
C GLU A 83 6.53 -5.18 8.71
N THR A 84 5.45 -4.44 8.97
CA THR A 84 5.11 -3.33 8.09
C THR A 84 5.98 -2.09 8.32
N TYR A 85 6.96 -1.89 7.44
CA TYR A 85 7.67 -0.62 7.41
C TYR A 85 6.75 0.49 6.90
N ALA A 86 5.96 0.18 5.88
CA ALA A 86 5.03 1.10 5.25
C ALA A 86 3.98 0.28 4.54
N ALA A 87 2.81 0.88 4.37
CA ALA A 87 1.67 0.22 3.72
C ALA A 87 1.01 1.25 2.83
N VAL A 88 0.96 0.97 1.52
CA VAL A 88 0.52 1.94 0.51
C VAL A 88 -0.80 1.47 -0.10
N GLU A 89 -1.79 2.36 -0.06
CA GLU A 89 -3.10 2.13 -0.64
C GLU A 89 -3.28 2.87 -1.96
N LEU A 90 -3.51 2.13 -3.03
CA LEU A 90 -3.91 2.71 -4.32
C LEU A 90 -5.43 2.87 -4.35
N ILE A 91 -5.93 4.05 -4.73
CA ILE A 91 -7.37 4.24 -4.86
C ILE A 91 -7.93 3.44 -6.04
N GLU A 92 -9.25 3.24 -6.01
CA GLU A 92 -9.91 2.41 -7.00
C GLU A 92 -11.02 3.13 -7.76
N SER A 93 -11.01 4.46 -7.72
CA SER A 93 -12.13 5.24 -8.26
C SER A 93 -11.84 5.86 -9.63
N HIS A 94 -10.85 5.36 -10.35
CA HIS A 94 -10.50 5.91 -11.67
C HIS A 94 -11.58 5.70 -12.70
N SER A 95 -11.85 6.75 -13.48
N SER A 95 -11.85 6.75 -13.49
CA SER A 95 -12.83 6.66 -14.54
CA SER A 95 -12.86 6.65 -14.54
C SER A 95 -12.26 6.10 -15.83
C SER A 95 -12.28 6.19 -15.88
N THR A 96 -10.97 6.30 -16.05
CA THR A 96 -10.31 5.91 -17.29
C THR A 96 -8.95 5.30 -17.04
N LYS A 97 -8.46 4.59 -18.04
CA LYS A 97 -7.14 3.94 -17.99
C LYS A 97 -6.04 4.98 -17.81
N GLU A 98 -6.15 6.11 -18.49
CA GLU A 98 -5.13 7.15 -18.39
CA GLU A 98 -5.12 7.14 -18.39
C GLU A 98 -5.01 7.67 -16.96
N GLU A 99 -6.14 7.90 -16.31
CA GLU A 99 -6.14 8.35 -14.93
C GLU A 99 -5.59 7.28 -13.99
N PHE A 100 -5.99 6.04 -14.23
CA PHE A 100 -5.41 4.92 -13.49
C PHE A 100 -3.89 4.92 -13.62
N MET A 101 -3.38 5.04 -14.84
CA MET A 101 -1.94 4.91 -15.05
C MET A 101 -1.14 5.99 -14.36
N THR A 102 -1.65 7.22 -14.32
CA THR A 102 -0.96 8.27 -13.57
C THR A 102 -0.71 7.83 -12.12
N ASP A 103 -1.74 7.27 -11.51
CA ASP A 103 -1.62 6.84 -10.12
C ASP A 103 -0.84 5.54 -9.97
N TYR A 104 -1.03 4.60 -10.89
CA TYR A 104 -0.26 3.36 -10.87
C TYR A 104 1.24 3.64 -10.94
N ARG A 105 1.65 4.59 -11.76
CA ARG A 105 3.07 4.90 -11.85
C ARG A 105 3.58 5.43 -10.52
N LEU A 106 2.86 6.38 -9.92
CA LEU A 106 3.23 6.88 -8.60
C LEU A 106 3.30 5.78 -7.56
N TYR A 107 2.36 4.85 -7.63
CA TYR A 107 2.30 3.71 -6.72
C TYR A 107 3.55 2.84 -6.82
N ILE A 108 3.93 2.46 -8.04
CA ILE A 108 5.15 1.68 -8.25
C ILE A 108 6.36 2.43 -7.72
N GLU A 109 6.44 3.72 -8.05
CA GLU A 109 7.59 4.52 -7.66
C GLU A 109 7.68 4.65 -6.15
N LEU A 110 6.56 4.89 -5.49
CA LEU A 110 6.54 5.03 -4.05
C LEU A 110 6.86 3.71 -3.35
N LEU A 111 6.29 2.61 -3.81
CA LEU A 111 6.60 1.32 -3.21
C LEU A 111 8.11 1.04 -3.28
N ARG A 112 8.71 1.30 -4.44
CA ARG A 112 10.15 1.14 -4.62
C ARG A 112 10.93 2.05 -3.67
N ASN A 113 10.54 3.32 -3.62
CA ASN A 113 11.20 4.28 -2.76
C ASN A 113 11.15 3.87 -1.29
N LEU A 114 9.98 3.42 -0.84
CA LEU A 114 9.84 3.03 0.57
C LEU A 114 10.70 1.81 0.89
N ALA A 115 10.76 0.85 -0.03
CA ALA A 115 11.67 -0.28 0.16
C ALA A 115 13.12 0.21 0.28
N ASP A 116 13.53 1.11 -0.61
CA ASP A 116 14.88 1.68 -0.52
C ASP A 116 15.13 2.34 0.83
N GLU A 117 14.18 3.16 1.25
CA GLU A 117 14.31 3.91 2.51
C GLU A 117 14.46 2.94 3.69
N ALA A 118 13.75 1.83 3.64
CA ALA A 118 13.77 0.82 4.67
C ALA A 118 14.95 -0.14 4.59
N GLY A 119 15.76 -0.04 3.53
CA GLY A 119 16.86 -0.96 3.30
C GLY A 119 16.42 -2.36 2.88
N LEU A 120 15.32 -2.44 2.14
CA LEU A 120 14.71 -3.71 1.76
C LEU A 120 14.84 -3.93 0.27
N PRO A 121 14.86 -5.20 -0.16
CA PRO A 121 14.93 -5.48 -1.60
C PRO A 121 13.68 -5.03 -2.33
N LYS A 122 13.89 -4.51 -3.53
CA LYS A 122 12.78 -4.15 -4.42
C LYS A 122 12.34 -5.40 -5.18
N THR A 123 11.73 -6.31 -4.44
CA THR A 123 11.19 -7.54 -5.00
C THR A 123 9.71 -7.59 -4.66
N LEU A 124 8.94 -8.35 -5.44
CA LEU A 124 7.51 -8.47 -5.21
C LEU A 124 7.12 -9.92 -4.95
N ASP A 125 6.50 -10.14 -3.80
CA ASP A 125 5.90 -11.42 -3.45
C ASP A 125 6.87 -12.59 -3.57
N THR A 126 8.09 -12.38 -3.13
CA THR A 126 9.04 -13.48 -3.00
C THR A 126 8.85 -14.21 -1.67
N GLY A 127 9.45 -15.38 -1.56
CA GLY A 127 9.36 -16.16 -0.34
C GLY A 127 10.19 -15.61 0.81
N SER A 128 11.21 -14.80 0.51
CA SER A 128 12.03 -14.22 1.56
C SER A 128 11.18 -13.32 2.44
N LEU A 129 11.52 -13.25 3.73
CA LEU A 129 10.73 -12.39 4.61
C LEU A 129 10.76 -10.94 4.13
N ALA A 130 11.92 -10.49 3.67
CA ALA A 130 12.10 -9.10 3.26
C ALA A 130 11.60 -8.84 1.85
N GLY A 131 11.09 -7.64 1.65
CA GLY A 131 10.69 -7.16 0.34
C GLY A 131 9.32 -6.52 0.34
N ILE A 132 8.83 -6.23 -0.87
CA ILE A 132 7.49 -5.69 -1.05
C ILE A 132 6.54 -6.88 -1.19
N LYS A 133 5.49 -6.88 -0.37
CA LYS A 133 4.49 -7.95 -0.38
C LYS A 133 3.12 -7.35 -0.58
N THR A 134 2.32 -7.98 -1.42
CA THR A 134 0.93 -7.61 -1.55
C THR A 134 0.13 -8.11 -0.34
N ALA A 135 -1.05 -7.52 -0.14
CA ALA A 135 -1.98 -8.04 0.84
C ALA A 135 -2.33 -9.49 0.52
N GLU A 136 -2.53 -9.81 -0.76
CA GLU A 136 -2.80 -11.19 -1.13
C GLU A 136 -1.71 -12.12 -0.58
N TYR A 137 -0.46 -11.74 -0.80
CA TYR A 137 0.65 -12.57 -0.38
C TYR A 137 0.69 -12.71 1.15
N ALA A 138 0.45 -11.61 1.86
CA ALA A 138 0.39 -11.67 3.32
C ALA A 138 -0.75 -12.59 3.79
N THR A 139 -1.95 -12.39 3.25
CA THR A 139 -3.08 -13.24 3.58
C THR A 139 -2.73 -14.72 3.43
N ASN A 140 -2.07 -15.05 2.33
CA ASN A 140 -1.79 -16.45 2.02
C ASN A 140 -0.58 -17.03 2.74
N ASN A 141 0.30 -16.19 3.27
CA ASN A 141 1.58 -16.67 3.78
C ASN A 141 1.97 -16.32 5.19
N GLN A 142 1.36 -15.29 5.76
CA GLN A 142 1.77 -14.87 7.09
C GLN A 142 1.28 -15.84 8.16
N PRO A 143 1.99 -15.92 9.28
CA PRO A 143 1.47 -16.67 10.42
C PRO A 143 0.28 -15.93 11.04
N ASN A 144 -0.61 -16.69 11.70
CA ASN A 144 -1.76 -16.12 12.39
C ASN A 144 -2.63 -15.24 11.48
N ASN A 145 -2.84 -15.67 10.24
CA ASN A 145 -3.67 -14.90 9.34
C ASN A 145 -5.14 -14.88 9.74
N HIS A 146 -5.73 -13.70 9.68
CA HIS A 146 -7.18 -13.53 9.84
C HIS A 146 -7.81 -12.75 8.71
N SER A 147 -7.05 -12.42 7.67
CA SER A 147 -7.58 -11.63 6.57
C SER A 147 -8.13 -12.52 5.45
N ASP A 148 -9.08 -11.97 4.71
CA ASP A 148 -9.46 -12.54 3.40
C ASP A 148 -9.14 -11.59 2.25
N HIS A 149 -8.28 -10.60 2.50
CA HIS A 149 -7.99 -9.59 1.48
C HIS A 149 -6.96 -10.09 0.51
N VAL A 150 -7.17 -9.73 -0.76
CA VAL A 150 -6.31 -10.19 -1.85
C VAL A 150 -5.93 -9.05 -2.81
N ASP A 151 -6.04 -7.82 -2.34
CA ASP A 151 -5.55 -6.68 -3.06
C ASP A 151 -4.04 -6.74 -3.24
N PRO A 152 -3.50 -6.06 -4.26
CA PRO A 152 -4.17 -5.18 -5.21
C PRO A 152 -4.42 -5.81 -6.58
N TYR A 153 -4.16 -7.11 -6.72
CA TYR A 153 -4.22 -7.75 -8.03
C TYR A 153 -5.55 -7.62 -8.77
N PRO A 154 -6.70 -7.75 -8.08
CA PRO A 154 -7.96 -7.64 -8.83
C PRO A 154 -8.13 -6.26 -9.47
N TYR A 155 -7.80 -5.20 -8.74
CA TYR A 155 -7.96 -3.86 -9.28
C TYR A 155 -6.96 -3.59 -10.40
N LEU A 156 -5.73 -4.04 -10.21
CA LEU A 156 -4.75 -3.94 -11.30
C LEU A 156 -5.27 -4.65 -12.55
N ALA A 157 -5.86 -5.83 -12.39
CA ALA A 157 -6.43 -6.57 -13.52
C ALA A 157 -7.58 -5.82 -14.19
N LYS A 158 -8.37 -5.09 -13.41
CA LYS A 158 -9.46 -4.31 -14.00
C LYS A 158 -8.91 -3.39 -15.09
N TRP A 159 -7.73 -2.84 -14.85
CA TRP A 159 -7.11 -1.89 -15.77
C TRP A 159 -5.95 -2.49 -16.57
N GLY A 160 -5.94 -3.82 -16.71
CA GLY A 160 -5.04 -4.48 -17.64
C GLY A 160 -3.59 -4.60 -17.19
N ILE A 161 -3.35 -4.53 -15.88
CA ILE A 161 -2.02 -4.77 -15.33
C ILE A 161 -2.00 -6.19 -14.74
N SER A 162 -1.24 -7.06 -15.37
CA SER A 162 -1.16 -8.46 -14.96
C SER A 162 -0.26 -8.63 -13.74
N ARG A 163 -0.30 -9.82 -13.16
CA ARG A 163 0.59 -10.15 -12.04
CA ARG A 163 0.58 -10.14 -12.03
C ARG A 163 2.04 -9.98 -12.44
N GLU A 164 2.38 -10.46 -13.64
CA GLU A 164 3.74 -10.39 -14.14
CA GLU A 164 3.76 -10.38 -14.11
C GLU A 164 4.18 -8.95 -14.41
N GLN A 165 3.28 -8.14 -14.96
CA GLN A 165 3.61 -6.75 -15.24
C GLN A 165 3.90 -5.98 -13.95
N PHE A 166 3.05 -6.18 -12.95
CA PHE A 166 3.23 -5.52 -11.65
C PHE A 166 4.57 -5.92 -11.06
N LYS A 167 4.88 -7.22 -11.04
CA LYS A 167 6.15 -7.68 -10.55
C LYS A 167 7.33 -7.07 -11.34
N HIS A 168 7.21 -7.04 -12.65
CA HIS A 168 8.30 -6.49 -13.46
C HIS A 168 8.53 -5.01 -13.17
N ASP A 169 7.44 -4.26 -13.02
CA ASP A 169 7.54 -2.84 -12.74
C ASP A 169 8.17 -2.59 -11.37
N ILE A 170 7.78 -3.34 -10.36
CA ILE A 170 8.40 -3.20 -9.04
C ILE A 170 9.88 -3.53 -9.10
N GLU A 171 10.22 -4.64 -9.77
CA GLU A 171 11.56 -5.20 -9.69
C GLU A 171 12.58 -4.57 -10.63
N ASN A 172 12.11 -4.03 -11.74
CA ASN A 172 13.00 -3.41 -12.71
C ASN A 172 12.82 -1.91 -12.81
N GLY A 173 11.77 -1.40 -12.17
CA GLY A 173 11.37 -0.02 -12.34
C GLY A 173 10.53 0.17 -13.59
N LEU A 174 9.85 1.30 -13.66
CA LEU A 174 9.07 1.65 -14.82
C LEU A 174 9.96 1.92 -16.03
N THR A 175 9.40 1.64 -17.19
CA THR A 175 9.96 2.06 -18.46
C THR A 175 8.84 2.63 -19.32
N ILE A 176 9.20 3.27 -20.41
CA ILE A 176 8.19 3.83 -21.33
C ILE A 176 7.27 2.72 -21.86
N ALA B 1 -7.77 -2.88 3.79
CA ALA B 1 -6.82 -2.98 4.92
C ALA B 1 -7.51 -3.80 5.98
N DGL B 2 -6.78 -4.69 6.64
CA DGL B 2 -7.38 -5.59 7.62
C DGL B 2 -7.69 -6.93 7.03
O DGL B 2 -6.98 -7.40 6.13
CB DGL B 2 -6.42 -5.86 8.76
CG DGL B 2 -6.46 -4.83 9.86
CD DGL B 2 -5.71 -5.41 11.06
OE1 DGL B 2 -4.56 -5.94 10.92
OXT DGL B 2 -8.65 -7.57 7.46
N LYS B 3 -6.24 -5.21 12.20
CA LYS B 3 -5.58 -5.78 13.42
C LYS B 3 -5.70 -7.29 13.39
N DAL B 4 -6.91 -7.76 13.04
CA DAL B 4 -7.16 -9.17 12.82
CB DAL B 4 -8.26 -9.24 11.79
C DAL B 4 -7.62 -9.83 14.09
O DAL B 4 -8.36 -10.81 14.07
N ALA C 1 -16.38 7.18 0.91
CA ALA C 1 -16.91 8.19 -0.06
C ALA C 1 -17.94 9.07 0.61
N DGL C 2 -18.08 10.27 0.07
CA DGL C 2 -19.05 11.26 0.56
C DGL C 2 -18.33 12.39 1.22
O DGL C 2 -18.93 13.35 1.67
CB DGL C 2 -19.85 11.79 -0.63
OXT DGL C 2 -17.09 12.39 1.34
C1 AMV D . -18.31 6.97 6.31
C2 AMV D . -17.20 7.41 5.45
C3 AMV D . -16.74 6.33 4.51
C4 AMV D . -16.74 4.93 5.13
C5 AMV D . -17.95 4.63 6.04
C6 AMV D . -17.73 3.44 6.94
C7 AMV D . -17.36 9.84 5.29
C8 AMV D . -17.76 11.01 4.44
C9 AMV D . -15.06 6.47 2.79
C10 AMV D . -15.63 7.55 1.88
C11 AMV D . -13.55 6.43 2.68
O1 AMV D . -19.00 7.93 7.02
O3 AMV D . -15.40 6.70 4.15
O4 AMV D . -16.68 4.06 4.09
O5 AMV D . -18.29 5.71 6.91
O6 AMV D . -18.92 3.22 7.71
O7 AMV D . -16.92 9.99 6.41
O11 AMV D . -15.39 8.76 2.16
N2 AMV D . -17.53 8.63 4.74
C12 AMV D . -20.27 7.69 7.51
C1 NAG D . -15.83 2.95 4.14
C2 NAG D . -16.44 1.76 3.40
C3 NAG D . -15.50 0.57 3.48
C4 NAG D . -14.10 0.98 3.05
C5 NAG D . -13.63 2.29 3.69
C6 NAG D . -12.32 2.78 3.08
C7 NAG D . -18.88 1.89 3.42
C8 NAG D . -20.17 1.47 4.05
N2 NAG D . -17.74 1.41 3.93
O3 NAG D . -16.01 -0.43 2.63
O4 NAG D . -13.14 -0.01 3.39
O5 NAG D . -14.61 3.29 3.52
O6 NAG D . -12.45 2.77 1.67
O7 NAG D . -18.90 2.65 2.45
C1 AMV D . -12.80 -0.95 2.49
C2 AMV D . -11.40 -1.45 2.76
C3 AMV D . -11.09 -2.72 1.95
C4 AMV D . -12.19 -3.79 2.02
C5 AMV D . -13.54 -3.12 1.76
C6 AMV D . -14.77 -4.00 1.95
C7 AMV D . -9.71 0.31 3.28
C8 AMV D . -8.76 1.31 2.65
C9 AMV D . -8.71 -2.93 1.60
C10 AMV D . -7.53 -2.77 2.54
C11 AMV D . -8.47 -4.03 0.57
O3 AMV D . -9.85 -3.25 2.40
O4 AMV D . -11.78 -4.76 1.14
O5 AMV D . -13.72 -2.03 2.66
O6 AMV D . -15.95 -3.19 1.83
O7 AMV D . -9.79 0.20 4.50
O11 AMV D . -6.37 -2.56 2.08
N2 AMV D . -10.43 -0.41 2.40
C1 NAG D . -12.51 -5.97 1.01
C2 NAG D . -11.69 -7.05 0.32
C3 NAG D . -12.54 -8.31 0.23
C4 NAG D . -13.10 -8.70 1.58
C5 NAG D . -13.72 -7.52 2.31
C6 NAG D . -14.05 -7.87 3.76
C7 NAG D . -10.10 -7.05 -1.53
C8 NAG D . -9.72 -6.52 -2.88
N2 NAG D . -11.23 -6.61 -0.99
O3 NAG D . -11.80 -9.40 -0.31
O4 NAG D . -14.04 -9.74 1.43
O5 NAG D . -12.84 -6.41 2.31
O6 NAG D . -12.90 -8.23 4.51
O7 NAG D . -9.39 -7.90 -0.97
#